data_4MVK
#
_entry.id   4MVK
#
_cell.length_a   50.970
_cell.length_b   59.230
_cell.length_c   61.230
_cell.angle_alpha   90.000
_cell.angle_beta   90.000
_cell.angle_gamma   90.000
#
_symmetry.space_group_name_H-M   'P 21 21 21'
#
loop_
_entity.id
_entity.type
_entity.pdbx_description
1 polymer 'Neutrophil gelatinase-associated lipocalin'
2 polymer 'Amyloid peptide fragment VFFAED'
3 water water
#
loop_
_entity_poly.entity_id
_entity_poly.type
_entity_poly.pdbx_seq_one_letter_code
_entity_poly.pdbx_strand_id
1 'polypeptide(L)'
;QDSTSDLIPAPPLSKVPLQQNFQDNQFHGKWYVVGVAGNKSLREDKDPWKMYATIYELKEDKSYNVTSVGFGTKKCHYKI
RTFVPGSQPGEFTLGRIKSRPGRTSALVRVVSTNYNQHAMVFFKVVQQNRESFNITLYGRTKELTSELKENFIRFSKSLG
LPENHIVFPVPIDQCIDGSAWSHPQFEK
;
A
2 'polypeptide(L)' (ACE)VFFAED(NH2) B
#
# COMPACT_ATOMS: atom_id res chain seq x y z
N LEU A 7 -18.00 2.98 6.39
CA LEU A 7 -17.14 2.06 5.63
C LEU A 7 -17.80 1.83 4.25
N ILE A 8 -17.16 2.28 3.19
CA ILE A 8 -17.66 1.97 1.82
C ILE A 8 -17.29 0.46 1.66
N PRO A 9 -18.23 -0.34 1.08
CA PRO A 9 -17.86 -1.75 0.87
C PRO A 9 -16.72 -1.94 -0.10
N ALA A 10 -15.90 -2.99 0.12
CA ALA A 10 -14.83 -3.27 -0.82
C ALA A 10 -15.46 -3.71 -2.17
N PRO A 11 -14.76 -3.37 -3.24
CA PRO A 11 -15.22 -3.76 -4.59
C PRO A 11 -14.97 -5.27 -4.74
N PRO A 12 -15.70 -5.94 -5.63
CA PRO A 12 -15.38 -7.32 -6.02
C PRO A 12 -14.01 -7.34 -6.71
N LEU A 13 -13.27 -8.42 -6.55
CA LEU A 13 -11.96 -8.51 -7.17
C LEU A 13 -12.09 -8.44 -8.73
N SER A 14 -13.24 -8.73 -9.30
CA SER A 14 -13.38 -8.62 -10.76
C SER A 14 -13.16 -7.19 -11.18
N LYS A 15 -13.28 -6.18 -10.30
CA LYS A 15 -13.08 -4.77 -10.69
C LYS A 15 -11.65 -4.32 -10.47
N VAL A 16 -10.78 -5.19 -9.96
CA VAL A 16 -9.44 -4.78 -9.60
C VAL A 16 -8.46 -5.39 -10.60
N PRO A 17 -7.87 -4.59 -11.48
CA PRO A 17 -6.88 -5.20 -12.44
C PRO A 17 -5.68 -5.85 -11.77
N LEU A 18 -5.06 -6.82 -12.46
CA LEU A 18 -3.79 -7.36 -11.98
C LEU A 18 -2.74 -7.06 -13.06
N GLN A 19 -1.59 -6.50 -12.63
CA GLN A 19 -0.48 -6.18 -13.59
C GLN A 19 -0.12 -7.42 -14.41
N GLN A 20 -0.08 -7.28 -15.73
CA GLN A 20 0.23 -8.48 -16.57
C GLN A 20 1.73 -8.81 -16.44
N ASN A 21 2.01 -10.11 -16.40
CA ASN A 21 3.40 -10.58 -16.45
C ASN A 21 4.22 -9.90 -15.32
N PHE A 22 3.64 -9.94 -14.14
CA PHE A 22 4.31 -9.33 -12.98
C PHE A 22 5.73 -9.94 -12.76
N GLN A 23 6.71 -9.04 -12.57
CA GLN A 23 8.15 -9.42 -12.38
C GLN A 23 8.60 -9.12 -10.93
N ASP A 24 8.61 -10.15 -10.07
CA ASP A 24 8.91 -9.88 -8.63
C ASP A 24 10.26 -9.23 -8.41
N ASN A 25 11.24 -9.66 -9.20
CA ASN A 25 12.61 -9.08 -9.04
C ASN A 25 12.76 -7.66 -9.54
N GLN A 26 11.74 -7.13 -10.24
CA GLN A 26 11.77 -5.74 -10.66
C GLN A 26 10.99 -4.84 -9.72
N PHE A 27 10.07 -5.43 -8.94
CA PHE A 27 9.26 -4.66 -7.96
C PHE A 27 10.03 -4.46 -6.64
N HIS A 28 11.00 -5.37 -6.41
CA HIS A 28 11.97 -5.23 -5.33
C HIS A 28 12.48 -3.84 -5.19
N GLY A 29 12.72 -3.49 -3.91
CA GLY A 29 13.42 -2.29 -3.51
C GLY A 29 12.56 -1.31 -2.76
N LYS A 30 13.03 -0.07 -2.66
CA LYS A 30 12.37 0.99 -1.89
C LYS A 30 11.33 1.74 -2.67
N TRP A 31 10.18 1.94 -2.05
CA TRP A 31 9.05 2.74 -2.62
C TRP A 31 8.60 3.72 -1.58
N TYR A 32 8.24 4.93 -1.98
CA TYR A 32 7.57 5.90 -1.06
C TYR A 32 6.07 5.81 -1.23
N VAL A 33 5.35 5.94 -0.10
CA VAL A 33 3.89 5.98 -0.11
C VAL A 33 3.48 7.41 -0.43
N VAL A 34 3.13 7.63 -1.73
CA VAL A 34 2.81 8.97 -2.22
C VAL A 34 1.31 9.26 -2.40
N GLY A 35 0.51 8.19 -2.31
CA GLY A 35 -0.99 8.40 -2.28
C GLY A 35 -1.60 7.20 -1.60
N VAL A 36 -2.74 7.47 -0.98
CA VAL A 36 -3.56 6.36 -0.42
C VAL A 36 -5.02 6.70 -0.53
N ALA A 37 -5.82 5.70 -0.86
CA ALA A 37 -7.32 5.91 -0.90
C ALA A 37 -7.89 4.76 -0.13
N GLY A 38 -8.63 4.99 0.91
CA GLY A 38 -9.13 3.88 1.75
C GLY A 38 -10.53 4.10 2.16
N ASN A 39 -11.16 3.07 2.66
CA ASN A 39 -12.62 3.12 2.81
C ASN A 39 -13.20 3.68 4.02
N LYS A 40 -12.37 4.07 4.94
CA LYS A 40 -12.87 4.90 6.07
C LYS A 40 -12.78 6.49 5.99
N SER A 41 -13.65 7.16 6.74
CA SER A 41 -13.35 8.44 7.47
C SER A 41 -12.72 9.67 6.77
N LEU A 42 -11.70 10.19 7.45
CA LEU A 42 -10.94 11.42 7.13
C LEU A 42 -11.46 12.69 7.84
N ARG A 43 -11.13 12.80 9.13
CA ARG A 43 -11.44 14.00 9.93
C ARG A 43 -10.40 15.13 9.70
N GLU A 44 -10.86 16.22 9.09
CA GLU A 44 -10.04 17.41 8.69
C GLU A 44 -9.28 18.10 9.87
N ASP A 45 -9.66 17.71 11.07
CA ASP A 45 -9.22 18.29 12.32
C ASP A 45 -8.03 17.48 12.92
N LYS A 46 -6.98 17.29 12.10
CA LYS A 46 -5.92 16.36 12.45
C LYS A 46 -4.56 16.90 12.04
N ASP A 47 -3.54 16.10 12.37
CA ASP A 47 -2.24 16.38 11.83
C ASP A 47 -2.17 15.64 10.48
N PRO A 48 -1.58 16.33 9.47
CA PRO A 48 -1.42 15.82 8.08
C PRO A 48 -0.70 14.46 8.10
N TRP A 49 -1.04 13.54 7.19
CA TRP A 49 -0.40 12.19 7.14
C TRP A 49 0.91 12.29 6.47
N LYS A 50 2.01 11.92 7.16
CA LYS A 50 3.35 12.05 6.58
C LYS A 50 3.72 10.89 5.64
N MET A 51 4.34 11.21 4.49
CA MET A 51 4.93 10.22 3.59
C MET A 51 5.80 9.26 4.46
N TYR A 52 5.73 8.00 4.07
CA TYR A 52 6.67 6.97 4.63
C TYR A 52 7.20 6.16 3.50
N ALA A 53 8.14 5.27 3.79
CA ALA A 53 8.75 4.37 2.75
C ALA A 53 8.57 2.91 3.11
N THR A 54 8.45 2.04 2.09
CA THR A 54 8.33 0.58 2.29
C THR A 54 9.42 -0.01 1.41
N ILE A 55 10.23 -0.91 1.97
CA ILE A 55 11.25 -1.63 1.17
C ILE A 55 10.76 -3.05 1.00
N TYR A 56 10.63 -3.49 -0.22
CA TYR A 56 10.24 -4.86 -0.54
C TYR A 56 11.50 -5.68 -0.85
N GLU A 57 11.98 -6.54 0.06
CA GLU A 57 13.24 -7.26 -0.29
C GLU A 57 12.82 -8.67 -0.74
N LEU A 58 13.00 -8.99 -2.04
CA LEU A 58 12.66 -10.35 -2.49
C LEU A 58 13.69 -11.38 -1.98
N LYS A 59 13.23 -12.49 -1.50
CA LYS A 59 14.12 -13.55 -0.97
C LYS A 59 14.18 -14.73 -1.98
N GLU A 60 15.16 -15.65 -1.83
CA GLU A 60 15.23 -16.75 -2.81
C GLU A 60 13.95 -17.65 -2.80
N ASP A 61 13.26 -17.72 -1.65
CA ASP A 61 12.03 -18.49 -1.55
C ASP A 61 10.81 -17.78 -2.16
N LYS A 62 11.05 -16.63 -2.81
CA LYS A 62 10.01 -15.85 -3.55
C LYS A 62 9.02 -15.07 -2.66
N SER A 63 9.20 -15.13 -1.32
CA SER A 63 8.53 -14.16 -0.46
C SER A 63 9.24 -12.81 -0.50
N TYR A 64 8.56 -11.79 -0.02
CA TYR A 64 9.21 -10.53 0.28
C TYR A 64 9.30 -10.32 1.77
N ASN A 65 10.49 -9.84 2.23
CA ASN A 65 10.60 -9.25 3.56
C ASN A 65 10.28 -7.78 3.38
N VAL A 66 9.24 -7.28 4.07
CA VAL A 66 8.68 -5.96 3.78
C VAL A 66 8.88 -5.07 5.01
N THR A 67 9.73 -4.04 4.88
CA THR A 67 10.11 -3.17 5.98
C THR A 67 9.59 -1.78 5.66
N SER A 68 8.75 -1.24 6.54
CA SER A 68 8.35 0.22 6.41
C SER A 68 9.07 1.01 7.46
N VAL A 69 9.39 2.26 7.09
CA VAL A 69 10.08 3.17 7.97
C VAL A 69 9.32 4.52 7.85
N GLY A 70 9.11 5.13 9.01
CA GLY A 70 8.37 6.43 9.01
C GLY A 70 8.72 7.25 10.21
N PHE A 71 8.24 8.50 10.25
CA PHE A 71 8.55 9.48 11.33
C PHE A 71 7.27 9.69 12.11
N GLY A 72 7.31 9.47 13.42
CA GLY A 72 6.17 9.77 14.29
C GLY A 72 6.26 11.22 14.72
N THR A 73 6.18 11.48 16.02
CA THR A 73 6.50 12.80 16.59
C THR A 73 7.76 12.51 17.40
N LYS A 74 8.88 13.12 17.06
CA LYS A 74 10.16 12.82 17.76
C LYS A 74 11.00 11.58 17.40
N LYS A 75 10.43 10.47 16.89
CA LYS A 75 11.32 9.34 16.61
C LYS A 75 10.93 8.61 15.35
N CYS A 76 11.87 7.85 14.81
CA CYS A 76 11.58 6.94 13.67
C CYS A 76 10.96 5.66 14.17
N HIS A 77 10.07 5.12 13.32
CA HIS A 77 9.37 3.85 13.56
C HIS A 77 9.63 2.92 12.40
N TYR A 78 9.61 1.62 12.70
CA TYR A 78 9.77 0.55 11.71
C TYR A 78 8.70 -0.51 11.87
N LYS A 79 8.35 -1.15 10.76
CA LYS A 79 7.33 -2.23 10.73
C LYS A 79 7.82 -3.32 9.77
N ILE A 80 7.99 -4.56 10.27
CA ILE A 80 8.58 -5.61 9.46
C ILE A 80 7.60 -6.79 9.41
N ARG A 81 7.37 -7.31 8.21
CA ARG A 81 6.48 -8.46 8.03
C ARG A 81 6.84 -9.14 6.73
N THR A 82 6.26 -10.30 6.44
CA THR A 82 6.59 -11.11 5.23
C THR A 82 5.33 -11.15 4.36
N PHE A 83 5.48 -10.94 3.05
CA PHE A 83 4.41 -11.16 2.07
C PHE A 83 4.80 -12.43 1.32
N VAL A 84 3.86 -13.35 1.24
CA VAL A 84 4.12 -14.67 0.54
C VAL A 84 3.28 -14.71 -0.77
N PRO A 85 3.82 -15.27 -1.81
CA PRO A 85 3.04 -15.34 -3.06
C PRO A 85 1.62 -15.98 -2.85
N GLY A 86 0.66 -15.34 -3.53
CA GLY A 86 -0.73 -15.80 -3.55
C GLY A 86 -1.02 -16.66 -4.78
N SER A 87 -2.24 -16.55 -5.28
CA SER A 87 -2.74 -17.48 -6.29
C SER A 87 -2.24 -17.27 -7.67
N GLN A 88 -1.71 -16.06 -7.96
CA GLN A 88 -1.13 -15.72 -9.26
C GLN A 88 -0.10 -14.59 -9.15
N PRO A 89 0.82 -14.45 -10.14
CA PRO A 89 1.91 -13.50 -10.02
C PRO A 89 1.39 -12.09 -9.82
N GLY A 90 1.93 -11.40 -8.80
CA GLY A 90 1.46 -10.05 -8.49
C GLY A 90 0.46 -10.05 -7.35
N GLU A 91 0.07 -11.22 -6.87
CA GLU A 91 -0.79 -11.28 -5.68
C GLU A 91 0.01 -11.85 -4.52
N PHE A 92 -0.30 -11.41 -3.31
CA PHE A 92 0.41 -11.85 -2.09
C PHE A 92 -0.57 -11.97 -0.95
N THR A 93 -0.20 -12.70 0.07
CA THR A 93 -0.90 -12.66 1.36
C THR A 93 0.11 -12.35 2.48
N LEU A 94 -0.37 -11.80 3.57
CA LEU A 94 0.46 -11.49 4.72
C LEU A 94 0.76 -12.70 5.53
N GLY A 95 2.08 -12.94 5.81
CA GLY A 95 2.44 -13.88 6.86
C GLY A 95 2.87 -15.23 6.31
N ARG A 96 3.94 -15.78 6.90
CA ARG A 96 4.41 -17.11 6.51
C ARG A 96 3.42 -18.16 7.04
N ILE A 97 3.16 -18.17 8.35
CA ILE A 97 2.12 -19.06 8.91
C ILE A 97 0.81 -18.27 9.05
N LYS A 98 -0.27 -18.85 8.50
CA LYS A 98 -1.61 -18.24 8.51
C LYS A 98 -2.17 -18.02 9.94
N SER A 99 -2.90 -16.89 10.07
CA SER A 99 -3.15 -16.13 11.33
C SER A 99 -3.04 -16.88 12.66
N ARG A 100 -1.93 -16.61 13.35
CA ARG A 100 -1.66 -17.11 14.70
C ARG A 100 -2.59 -16.41 15.71
N PRO A 101 -2.61 -16.87 16.99
CA PRO A 101 -3.58 -16.51 18.04
C PRO A 101 -4.68 -15.46 17.71
N GLY A 102 -4.33 -14.17 17.76
CA GLY A 102 -5.27 -13.09 17.42
C GLY A 102 -4.54 -11.96 16.71
N ARG A 103 -4.92 -11.69 15.45
CA ARG A 103 -4.06 -10.88 14.59
C ARG A 103 -4.66 -10.19 13.32
N THR A 104 -3.81 -10.14 12.31
CA THR A 104 -4.04 -9.39 11.02
C THR A 104 -3.86 -10.38 9.86
N SER A 105 -4.76 -10.24 8.90
CA SER A 105 -4.62 -10.98 7.62
C SER A 105 -4.74 -9.94 6.52
N ALA A 106 -4.15 -10.22 5.36
CA ALA A 106 -4.28 -9.29 4.23
C ALA A 106 -4.17 -10.01 2.88
N LEU A 107 -4.81 -9.43 1.87
CA LEU A 107 -4.68 -9.84 0.48
C LEU A 107 -4.15 -8.65 -0.25
N VAL A 108 -3.14 -8.90 -1.11
CA VAL A 108 -2.44 -7.82 -1.81
C VAL A 108 -2.50 -8.13 -3.32
N ARG A 109 -2.90 -7.14 -4.14
CA ARG A 109 -2.92 -7.33 -5.61
C ARG A 109 -2.23 -6.09 -6.23
N VAL A 110 -1.16 -6.34 -6.94
CA VAL A 110 -0.47 -5.24 -7.71
C VAL A 110 -1.26 -4.94 -8.96
N VAL A 111 -1.93 -3.78 -8.98
CA VAL A 111 -2.84 -3.40 -10.09
C VAL A 111 -2.06 -2.98 -11.33
N SER A 112 -1.00 -2.18 -11.11
CA SER A 112 -0.24 -1.66 -12.25
C SER A 112 1.12 -1.22 -11.75
N THR A 113 2.19 -1.49 -12.50
CA THR A 113 3.50 -0.89 -12.16
C THR A 113 4.37 -0.85 -13.41
N ASN A 114 5.23 0.16 -13.45
CA ASN A 114 6.34 0.12 -14.41
C ASN A 114 7.70 -0.13 -13.80
N TYR A 115 7.67 -0.48 -12.51
CA TYR A 115 8.84 -0.94 -11.73
C TYR A 115 9.85 0.14 -11.39
N ASN A 116 10.16 1.11 -12.30
CA ASN A 116 11.17 2.11 -12.02
C ASN A 116 10.58 3.49 -11.74
N GLN A 117 9.26 3.60 -11.67
CA GLN A 117 8.65 4.91 -11.38
C GLN A 117 7.50 4.76 -10.39
N HIS A 118 6.42 4.03 -10.70
CA HIS A 118 5.27 3.99 -9.75
C HIS A 118 4.65 2.61 -9.71
N ALA A 119 3.81 2.44 -8.74
CA ALA A 119 2.95 1.22 -8.67
C ALA A 119 1.65 1.58 -8.02
N MET A 120 0.56 0.91 -8.35
CA MET A 120 -0.71 1.04 -7.59
C MET A 120 -0.97 -0.38 -7.09
N VAL A 121 -1.24 -0.46 -5.79
CA VAL A 121 -1.37 -1.78 -5.13
C VAL A 121 -2.61 -1.77 -4.28
N PHE A 122 -3.49 -2.79 -4.51
CA PHE A 122 -4.77 -2.91 -3.76
C PHE A 122 -4.54 -3.86 -2.57
N PHE A 123 -5.11 -3.45 -1.42
CA PHE A 123 -5.04 -4.26 -0.22
C PHE A 123 -6.41 -4.41 0.40
N LYS A 124 -6.73 -5.67 0.81
CA LYS A 124 -7.88 -5.88 1.72
C LYS A 124 -7.29 -6.44 3.01
N VAL A 125 -7.77 -5.96 4.16
CA VAL A 125 -7.14 -6.21 5.46
C VAL A 125 -8.17 -6.58 6.49
N VAL A 126 -7.87 -7.51 7.36
CA VAL A 126 -8.71 -7.71 8.57
C VAL A 126 -7.78 -7.59 9.75
N GLN A 127 -8.19 -6.77 10.72
CA GLN A 127 -7.45 -6.64 11.97
C GLN A 127 -8.46 -6.53 13.12
N GLN A 128 -8.24 -7.36 14.14
CA GLN A 128 -9.17 -7.53 15.23
C GLN A 128 -10.62 -7.68 14.75
N ASN A 129 -10.77 -8.53 13.70
CA ASN A 129 -12.10 -8.82 13.06
C ASN A 129 -12.68 -7.64 12.33
N ARG A 130 -11.96 -6.52 12.23
CA ARG A 130 -12.42 -5.33 11.49
C ARG A 130 -11.84 -5.37 10.06
N GLU A 131 -12.71 -5.13 9.08
CA GLU A 131 -12.36 -5.15 7.65
C GLU A 131 -12.09 -3.75 7.08
N SER A 132 -11.10 -3.64 6.24
CA SER A 132 -10.89 -2.37 5.50
C SER A 132 -10.24 -2.67 4.20
N PHE A 133 -10.19 -1.69 3.30
CA PHE A 133 -9.37 -1.85 2.09
C PHE A 133 -8.75 -0.50 1.75
N ASN A 134 -7.70 -0.55 0.95
CA ASN A 134 -7.12 0.68 0.43
C ASN A 134 -6.45 0.39 -0.90
N ILE A 135 -6.24 1.46 -1.67
CA ILE A 135 -5.31 1.43 -2.78
C ILE A 135 -4.12 2.31 -2.40
N THR A 136 -2.91 1.77 -2.52
CA THR A 136 -1.71 2.55 -2.16
C THR A 136 -0.99 2.89 -3.49
N LEU A 137 -0.61 4.17 -3.62
CA LEU A 137 0.18 4.63 -4.78
C LEU A 137 1.60 4.80 -4.29
N TYR A 138 2.49 4.03 -4.89
CA TYR A 138 3.92 4.03 -4.59
C TYR A 138 4.74 4.70 -5.66
N GLY A 139 5.81 5.42 -5.20
CA GLY A 139 6.74 6.03 -6.18
C GLY A 139 8.18 5.67 -5.82
N ARG A 140 9.06 5.54 -6.83
CA ARG A 140 10.49 5.42 -6.54
C ARG A 140 11.10 6.72 -6.05
N THR A 141 10.48 7.86 -6.40
CA THR A 141 10.86 9.16 -5.83
C THR A 141 9.65 9.76 -5.12
N LYS A 142 9.91 10.89 -4.40
CA LYS A 142 8.85 11.55 -3.64
C LYS A 142 7.97 12.47 -4.46
N GLU A 143 8.42 12.77 -5.69
CA GLU A 143 7.72 13.80 -6.49
C GLU A 143 6.45 13.17 -7.06
N LEU A 144 5.33 13.81 -6.86
CA LEU A 144 4.06 13.34 -7.44
C LEU A 144 3.46 14.45 -8.30
N THR A 145 3.31 14.25 -9.63
CA THR A 145 2.80 15.26 -10.51
C THR A 145 1.28 15.11 -10.82
N SER A 146 0.68 16.17 -11.30
CA SER A 146 -0.79 16.23 -11.41
C SER A 146 -1.46 15.18 -12.24
N GLU A 147 -0.81 14.75 -13.36
CA GLU A 147 -1.49 13.78 -14.21
C GLU A 147 -1.61 12.41 -13.50
N LEU A 148 -0.65 12.07 -12.66
CA LEU A 148 -0.70 10.79 -11.92
C LEU A 148 -1.65 10.94 -10.74
N LYS A 149 -1.68 12.11 -10.10
CA LYS A 149 -2.72 12.35 -9.03
C LYS A 149 -4.09 12.18 -9.66
N GLU A 150 -4.33 12.79 -10.82
CA GLU A 150 -5.65 12.63 -11.49
C GLU A 150 -5.97 11.17 -11.79
N ASN A 151 -5.02 10.42 -12.33
CA ASN A 151 -5.31 9.04 -12.63
C ASN A 151 -5.62 8.22 -11.40
N PHE A 152 -4.93 8.53 -10.30
CA PHE A 152 -5.17 7.77 -9.03
C PHE A 152 -6.56 8.09 -8.49
N ILE A 153 -6.95 9.34 -8.57
CA ILE A 153 -8.32 9.72 -8.15
C ILE A 153 -9.35 8.99 -9.03
N ARG A 154 -9.17 8.95 -10.36
CA ARG A 154 -10.12 8.28 -11.22
C ARG A 154 -10.21 6.79 -10.87
N PHE A 155 -9.05 6.15 -10.70
CA PHE A 155 -9.05 4.70 -10.42
C PHE A 155 -9.77 4.50 -9.07
N SER A 156 -9.43 5.31 -8.06
CA SER A 156 -10.04 5.17 -6.73
C SER A 156 -11.56 5.29 -6.84
N LYS A 157 -12.07 6.25 -7.65
CA LYS A 157 -13.50 6.45 -7.81
C LYS A 157 -14.10 5.22 -8.47
N SER A 158 -13.35 4.57 -9.38
CA SER A 158 -13.84 3.33 -10.05
C SER A 158 -14.09 2.17 -9.05
N LEU A 159 -13.42 2.24 -7.89
CA LEU A 159 -13.59 1.22 -6.84
C LEU A 159 -14.57 1.65 -5.82
N GLY A 160 -15.24 2.79 -6.00
CA GLY A 160 -16.23 3.28 -5.08
C GLY A 160 -15.83 4.32 -4.07
N LEU A 161 -14.57 4.78 -4.16
CA LEU A 161 -14.08 5.79 -3.20
C LEU A 161 -14.14 7.21 -3.80
N PRO A 162 -14.80 8.06 -3.10
CA PRO A 162 -14.87 9.47 -3.52
C PRO A 162 -13.67 10.25 -3.02
N GLU A 163 -13.56 11.48 -3.55
CA GLU A 163 -12.30 12.16 -3.47
C GLU A 163 -11.96 12.49 -2.05
N ASN A 164 -12.94 12.64 -1.17
CA ASN A 164 -12.63 12.96 0.22
C ASN A 164 -12.02 11.80 1.05
N HIS A 165 -11.89 10.64 0.39
CA HIS A 165 -11.20 9.47 0.98
C HIS A 165 -9.80 9.25 0.44
N ILE A 166 -9.32 10.18 -0.35
CA ILE A 166 -8.04 10.12 -1.00
C ILE A 166 -7.11 11.12 -0.34
N VAL A 167 -5.90 10.65 -0.01
CA VAL A 167 -4.87 11.50 0.67
C VAL A 167 -3.56 11.37 -0.10
N PHE A 168 -2.84 12.49 -0.31
CA PHE A 168 -1.49 12.47 -0.83
C PHE A 168 -0.53 12.87 0.32
N PRO A 169 0.09 11.85 0.94
CA PRO A 169 0.87 12.19 2.15
C PRO A 169 1.92 13.25 1.93
N VAL A 170 2.19 14.04 2.98
CA VAL A 170 3.09 15.18 2.87
C VAL A 170 4.56 14.71 2.75
N PRO A 171 5.33 15.19 1.77
CA PRO A 171 6.73 14.73 1.69
C PRO A 171 7.51 15.26 2.89
N ILE A 172 8.38 14.39 3.45
CA ILE A 172 9.23 14.76 4.57
C ILE A 172 10.63 14.18 4.29
N ASP A 173 11.60 14.71 5.04
CA ASP A 173 13.00 14.19 5.01
C ASP A 173 13.38 13.31 6.18
N GLN A 174 12.72 13.43 7.33
CA GLN A 174 13.13 12.67 8.51
C GLN A 174 12.86 11.22 8.27
N CYS A 175 13.83 10.38 8.68
CA CYS A 175 13.65 8.91 8.79
C CYS A 175 13.60 8.15 7.47
N ILE A 176 12.95 8.69 6.45
CA ILE A 176 12.64 7.88 5.26
C ILE A 176 13.63 7.99 4.11
N ASP A 177 14.71 8.81 4.27
CA ASP A 177 15.43 9.55 3.13
C ASP A 177 14.57 10.45 2.20
N VAL B 2 1.50 5.80 12.13
CA VAL B 2 2.54 6.13 11.18
C VAL B 2 2.29 5.34 9.91
N PHE B 3 1.83 4.06 10.03
CA PHE B 3 1.80 3.18 8.85
C PHE B 3 0.34 3.01 8.45
N PHE B 4 -0.19 4.04 7.80
CA PHE B 4 -1.64 4.17 7.58
C PHE B 4 -2.15 3.55 6.27
N ALA B 5 -1.24 3.00 5.49
CA ALA B 5 -1.69 2.40 4.20
C ALA B 5 -1.29 0.90 4.21
N GLU B 6 -1.44 0.22 3.05
CA GLU B 6 -1.00 -1.16 2.94
C GLU B 6 -1.73 -2.11 3.86
N ASP B 7 -0.98 -3.08 4.43
CA ASP B 7 -1.53 -4.04 5.35
C ASP B 7 -1.71 -3.50 6.80
#